data_6R61
#
_entry.id   6R61
#
_cell.length_a   97.170
_cell.length_b   113.390
_cell.length_c   91.220
_cell.angle_alpha   90.00
_cell.angle_beta   90.00
_cell.angle_gamma   90.00
#
_symmetry.space_group_name_H-M   'C 2 2 21'
#
loop_
_entity.id
_entity.type
_entity.pdbx_description
1 polymer 'Major aspartyl peptidase 1'
2 branched 2-acetamido-2-deoxy-beta-D-glucopyranose-(1-4)-2-acetamido-2-deoxy-beta-D-glucopyranose
3 non-polymer DI(HYDROXYETHYL)ETHER
4 non-polymer 'TRIETHYLENE GLYCOL'
5 non-polymer 'SULFATE ION'
6 non-polymer 'PENTAETHYLENE GLYCOL'
7 non-polymer 'CHLORIDE ION'
8 non-polymer 'SODIUM ION'
9 non-polymer (3~{S},7~{S},8~{S})-7-oxidanyl-8-(phenylmethyl)-3-(pyridin-3-ylmethyl)-1,4,9-triazacyclotricosane-2,5,10-trione
10 water water
#
_entity_poly.entity_id   1
_entity_poly.type   'polypeptide(L)'
_entity_poly.pdbx_seq_one_letter_code
;APSNSVPLTPLNSRQYSEDLAERQSWLLDQAKGLRSKYAPHLGERGQELRRRDIIDEGITRRKRANQKRATGTVSLTDVG
LDASYAGQVSIGTPAQDFLVIMDSGSSDLWVAGSTCTENFCKQTYTFDTSTSSSFITSSEAFNITYGSGDADGTLGTDTV
SMAGFTVSDQTFGVVTSTSANLISYPLSGLMGLAWKSIASSGATPFWQTLAASGDWDSPEMGVYLKRYRGDNTASQIETD
GGQILFGGLNTSLYNGSVNYISIDESEKDYWRIPLEAMVIQGNSVSIASSSGGSNPSCAIDTGTTLIGVPSQTANRIYSQ
IAGAEALSASSGYEGYYQYPCDTEVTVSLQFGGMSYSISNADMNLGSFTRDTSMCTGAFFAMDMSSRSPVQWIVGASFIK
NVYTAFRYNPAAIGFAELAAAGLNDIFEAQKIEWHE
;
_entity_poly.pdbx_strand_id   A
#
# COMPACT_ATOMS: atom_id res chain seq x y z
N ALA A 70 -21.26 11.07 7.78
CA ALA A 70 -20.74 10.10 8.78
C ALA A 70 -19.25 9.88 8.62
N THR A 71 -18.66 9.25 9.63
CA THR A 71 -17.27 8.78 9.63
C THR A 71 -17.27 7.35 10.13
N GLY A 72 -16.25 6.59 9.76
CA GLY A 72 -16.05 5.29 10.37
C GLY A 72 -14.62 4.89 10.33
N THR A 73 -14.25 4.05 11.27
CA THR A 73 -12.83 3.76 11.52
C THR A 73 -12.56 2.30 11.19
N VAL A 74 -11.49 2.01 10.46
CA VAL A 74 -10.96 0.63 10.27
C VAL A 74 -9.70 0.51 11.12
N SER A 75 -9.73 -0.36 12.08
CA SER A 75 -8.53 -0.69 12.88
C SER A 75 -7.58 -1.53 12.02
N LEU A 76 -6.27 -1.20 12.01
CA LEU A 76 -5.30 -1.91 11.14
C LEU A 76 -4.53 -2.91 11.98
N THR A 77 -4.33 -4.09 11.42
CA THR A 77 -3.35 -5.10 11.89
C THR A 77 -2.11 -4.93 11.03
N ASP A 78 -0.96 -4.87 11.70
CA ASP A 78 0.36 -4.81 11.08
C ASP A 78 0.93 -6.22 10.97
N VAL A 79 1.05 -6.72 9.74
CA VAL A 79 1.51 -8.09 9.46
C VAL A 79 2.95 -8.05 8.91
N GLY A 80 3.80 -8.94 9.41
CA GLY A 80 5.15 -9.16 8.85
C GLY A 80 6.15 -8.06 9.19
N LEU A 81 6.00 -7.36 10.32
CA LEU A 81 6.94 -6.28 10.73
C LEU A 81 6.88 -5.17 9.68
N ASP A 82 5.67 -4.64 9.47
CA ASP A 82 5.35 -3.48 8.60
C ASP A 82 5.35 -3.93 7.14
N ALA A 83 5.11 -5.20 6.87
CA ALA A 83 5.03 -5.71 5.48
C ALA A 83 3.70 -5.25 4.87
N SER A 84 2.63 -5.36 5.63
CA SER A 84 1.24 -5.15 5.14
C SER A 84 0.40 -4.68 6.30
N TYR A 85 -0.59 -3.86 5.98
CA TYR A 85 -1.56 -3.32 6.95
C TYR A 85 -2.96 -3.72 6.48
N ALA A 86 -3.69 -4.42 7.35
CA ALA A 86 -4.94 -5.09 6.95
C ALA A 86 -6.07 -4.63 7.84
N GLY A 87 -7.28 -4.63 7.28
CA GLY A 87 -8.50 -4.30 8.01
C GLY A 87 -9.61 -5.27 7.74
N GLN A 88 -10.61 -5.25 8.60
CA GLN A 88 -11.75 -6.18 8.48
C GLN A 88 -12.75 -5.71 7.42
N VAL A 89 -13.06 -6.58 6.47
CA VAL A 89 -14.22 -6.43 5.57
C VAL A 89 -15.24 -7.53 5.91
N SER A 90 -16.52 -7.21 5.77
CA SER A 90 -17.61 -8.20 5.96
CA SER A 90 -17.63 -8.17 5.96
C SER A 90 -18.38 -8.34 4.64
N ILE A 91 -18.55 -9.58 4.20
CA ILE A 91 -19.15 -9.89 2.88
C ILE A 91 -20.32 -10.84 3.08
N GLY A 92 -21.44 -10.53 2.47
CA GLY A 92 -22.55 -11.49 2.33
C GLY A 92 -23.52 -11.47 3.47
N THR A 93 -24.56 -12.30 3.33
CA THR A 93 -25.66 -12.41 4.29
C THR A 93 -25.84 -13.87 4.69
N PRO A 94 -25.63 -14.23 5.97
CA PRO A 94 -25.08 -13.32 6.99
C PRO A 94 -23.59 -13.00 6.73
N ALA A 95 -23.04 -12.00 7.43
CA ALA A 95 -21.66 -11.47 7.24
C ALA A 95 -20.61 -12.59 7.44
N GLN A 96 -19.74 -12.75 6.44
CA GLN A 96 -18.47 -13.49 6.57
C GLN A 96 -17.37 -12.43 6.67
N ASP A 97 -16.54 -12.49 7.70
CA ASP A 97 -15.49 -11.48 7.98
C ASP A 97 -14.11 -11.97 7.49
N PHE A 98 -13.36 -11.05 6.96
CA PHE A 98 -12.00 -11.31 6.47
C PHE A 98 -11.08 -10.15 6.84
N LEU A 99 -9.81 -10.48 7.01
CA LEU A 99 -8.71 -9.49 7.16
C LEU A 99 -8.10 -9.32 5.78
N VAL A 100 -8.16 -8.10 5.25
CA VAL A 100 -7.73 -7.83 3.87
C VAL A 100 -6.72 -6.69 3.89
N ILE A 101 -5.75 -6.78 2.99
CA ILE A 101 -4.72 -5.74 2.86
C ILE A 101 -5.43 -4.46 2.41
N MET A 102 -5.17 -3.37 3.12
CA MET A 102 -5.73 -2.05 2.77
C MET A 102 -4.68 -1.38 1.90
N ASP A 103 -4.99 -1.28 0.61
CA ASP A 103 -4.02 -1.05 -0.48
C ASP A 103 -4.36 0.21 -1.29
N SER A 104 -3.72 1.33 -0.99
CA SER A 104 -3.91 2.57 -1.79
C SER A 104 -3.26 2.45 -3.19
N GLY A 105 -2.61 1.34 -3.55
CA GLY A 105 -1.97 1.14 -4.87
C GLY A 105 -2.75 0.27 -5.82
N SER A 106 -4.00 -0.09 -5.50
CA SER A 106 -4.93 -0.81 -6.39
C SER A 106 -6.38 -0.47 -6.07
N SER A 107 -7.30 -1.01 -6.85
CA SER A 107 -8.70 -0.52 -6.84
C SER A 107 -9.75 -1.62 -6.80
N ASP A 108 -9.36 -2.88 -6.73
CA ASP A 108 -10.24 -4.07 -6.64
C ASP A 108 -10.29 -4.62 -5.21
N LEU A 109 -11.50 -5.05 -4.82
CA LEU A 109 -11.71 -5.93 -3.65
C LEU A 109 -11.68 -7.38 -4.18
N TRP A 110 -10.94 -8.23 -3.47
CA TRP A 110 -11.10 -9.69 -3.66
C TRP A 110 -10.87 -10.40 -2.35
N VAL A 111 -11.41 -11.62 -2.29
CA VAL A 111 -11.20 -12.57 -1.17
CA VAL A 111 -11.18 -12.56 -1.17
C VAL A 111 -11.06 -13.96 -1.79
N ALA A 112 -10.27 -14.79 -1.13
CA ALA A 112 -10.10 -16.22 -1.47
C ALA A 112 -11.45 -16.91 -1.26
N GLY A 113 -11.90 -17.64 -2.27
CA GLY A 113 -13.14 -18.41 -2.30
C GLY A 113 -12.97 -19.75 -1.60
N SER A 114 -14.03 -20.26 -0.97
CA SER A 114 -13.97 -21.50 -0.17
C SER A 114 -13.69 -22.70 -1.08
N THR A 115 -13.85 -22.58 -2.39
CA THR A 115 -13.56 -23.71 -3.31
C THR A 115 -12.09 -23.74 -3.71
N CYS A 116 -11.33 -22.71 -3.37
CA CYS A 116 -9.90 -22.56 -3.73
C CYS A 116 -9.12 -23.73 -3.16
N THR A 117 -8.34 -24.43 -3.99
CA THR A 117 -7.56 -25.59 -3.49
C THR A 117 -6.09 -25.25 -3.22
N GLU A 118 -5.67 -23.99 -3.38
CA GLU A 118 -4.28 -23.56 -3.05
C GLU A 118 -4.03 -23.85 -1.59
N ASN A 119 -2.77 -24.11 -1.23
CA ASN A 119 -2.38 -24.43 0.17
CA ASN A 119 -2.41 -24.43 0.17
C ASN A 119 -2.76 -23.24 1.07
N PHE A 120 -2.52 -22.03 0.62
CA PHE A 120 -2.71 -20.86 1.50
C PHE A 120 -4.21 -20.79 1.85
N CYS A 121 -5.08 -21.13 0.89
CA CYS A 121 -6.56 -21.09 1.10
C CYS A 121 -6.96 -22.09 2.18
N LYS A 122 -6.29 -23.25 2.23
CA LYS A 122 -6.55 -24.26 3.30
C LYS A 122 -6.18 -23.73 4.67
N GLN A 123 -5.34 -22.71 4.79
CA GLN A 123 -4.77 -22.29 6.10
C GLN A 123 -5.26 -20.88 6.47
N THR A 124 -6.22 -20.32 5.75
CA THR A 124 -6.84 -19.02 6.13
C THR A 124 -8.36 -19.08 5.95
N TYR A 125 -9.02 -17.99 6.31
CA TYR A 125 -10.49 -17.85 6.16
C TYR A 125 -10.80 -17.58 4.69
N THR A 126 -11.84 -18.26 4.20
CA THR A 126 -12.26 -18.14 2.79
C THR A 126 -13.75 -17.81 2.75
N PHE A 127 -14.16 -17.20 1.67
CA PHE A 127 -15.56 -16.78 1.39
C PHE A 127 -16.31 -17.95 0.77
N ASP A 128 -17.33 -18.43 1.47
CA ASP A 128 -18.23 -19.49 0.97
C ASP A 128 -19.38 -18.83 0.21
N THR A 129 -19.33 -18.85 -1.12
CA THR A 129 -20.37 -18.14 -1.90
C THR A 129 -21.74 -18.78 -1.61
N SER A 130 -21.78 -20.08 -1.28
CA SER A 130 -23.02 -20.89 -1.18
CA SER A 130 -23.02 -20.88 -1.20
C SER A 130 -23.82 -20.51 0.07
N THR A 131 -23.18 -19.93 1.09
CA THR A 131 -23.87 -19.65 2.36
C THR A 131 -24.25 -18.17 2.46
N SER A 132 -24.00 -17.38 1.41
CA SER A 132 -24.46 -15.98 1.31
C SER A 132 -25.74 -15.95 0.51
N SER A 133 -26.84 -15.57 1.14
CA SER A 133 -28.16 -15.55 0.48
C SER A 133 -28.20 -14.38 -0.53
N SER A 134 -27.32 -13.39 -0.43
CA SER A 134 -27.35 -12.16 -1.25
C SER A 134 -26.28 -12.23 -2.35
N PHE A 135 -25.50 -13.33 -2.42
CA PHE A 135 -24.41 -13.44 -3.41
C PHE A 135 -24.98 -13.60 -4.81
N ILE A 136 -24.52 -12.80 -5.77
CA ILE A 136 -24.91 -12.91 -7.20
C ILE A 136 -23.68 -13.35 -7.97
N THR A 137 -23.77 -14.50 -8.60
CA THR A 137 -22.59 -15.16 -9.21
C THR A 137 -22.47 -14.58 -10.59
N SER A 138 -21.28 -14.64 -11.17
CA SER A 138 -21.19 -14.42 -12.62
C SER A 138 -20.19 -15.44 -13.18
N SER A 139 -20.19 -15.64 -14.48
CA SER A 139 -19.13 -16.46 -15.08
C SER A 139 -17.96 -15.54 -15.42
N GLU A 140 -18.04 -14.24 -15.11
CA GLU A 140 -17.01 -13.29 -15.60
C GLU A 140 -15.66 -13.54 -14.89
N ALA A 141 -14.62 -13.78 -15.68
CA ALA A 141 -13.24 -13.95 -15.19
C ALA A 141 -12.80 -12.70 -14.40
N PHE A 142 -12.07 -12.96 -13.31
CA PHE A 142 -11.33 -11.95 -12.54
C PHE A 142 -9.86 -12.33 -12.63
N ASN A 143 -9.05 -11.40 -13.09
CA ASN A 143 -7.59 -11.65 -13.31
C ASN A 143 -6.89 -10.35 -12.94
N ILE A 144 -6.10 -10.31 -11.89
CA ILE A 144 -5.38 -9.06 -11.55
C ILE A 144 -3.89 -9.37 -11.40
N THR A 145 -3.06 -8.47 -11.91
CA THR A 145 -1.60 -8.55 -11.72
C THR A 145 -1.17 -7.44 -10.79
N TYR A 146 -0.34 -7.81 -9.83
CA TYR A 146 0.30 -6.86 -8.91
C TYR A 146 1.81 -6.99 -9.07
N GLY A 147 2.53 -6.07 -8.47
CA GLY A 147 3.99 -6.14 -8.41
C GLY A 147 4.41 -7.48 -7.84
N SER A 148 3.71 -7.99 -6.83
CA SER A 148 4.17 -9.17 -6.08
C SER A 148 3.62 -10.48 -6.66
N GLY A 149 2.84 -10.45 -7.74
CA GLY A 149 2.31 -11.60 -8.47
C GLY A 149 0.85 -11.40 -8.80
N ASP A 150 0.09 -12.49 -8.93
CA ASP A 150 -1.25 -12.32 -9.53
C ASP A 150 -2.31 -13.15 -8.78
N ALA A 151 -3.58 -12.79 -8.99
CA ALA A 151 -4.72 -13.49 -8.40
C ALA A 151 -5.77 -13.65 -9.50
N ASP A 152 -6.45 -14.78 -9.49
CA ASP A 152 -7.44 -15.12 -10.55
C ASP A 152 -8.65 -15.79 -9.91
N GLY A 153 -9.79 -15.58 -10.51
CA GLY A 153 -11.03 -16.32 -10.25
C GLY A 153 -12.17 -15.73 -11.04
N THR A 154 -13.27 -15.40 -10.39
CA THR A 154 -14.46 -14.88 -11.07
C THR A 154 -14.98 -13.70 -10.26
N LEU A 155 -15.74 -12.85 -10.91
CA LEU A 155 -16.40 -11.71 -10.25
C LEU A 155 -17.67 -12.22 -9.60
N GLY A 156 -18.00 -11.62 -8.48
CA GLY A 156 -19.34 -11.73 -7.89
C GLY A 156 -19.79 -10.41 -7.37
N THR A 157 -21.02 -10.37 -6.96
CA THR A 157 -21.63 -9.16 -6.38
C THR A 157 -22.32 -9.58 -5.08
N ASP A 158 -22.14 -8.79 -4.04
CA ASP A 158 -22.75 -9.09 -2.73
C ASP A 158 -22.75 -7.80 -1.93
N THR A 159 -23.44 -7.80 -0.81
CA THR A 159 -23.36 -6.75 0.21
C THR A 159 -22.01 -6.83 0.89
N VAL A 160 -21.39 -5.67 1.06
CA VAL A 160 -20.05 -5.54 1.69
C VAL A 160 -20.15 -4.45 2.73
N SER A 161 -19.58 -4.67 3.91
CA SER A 161 -19.51 -3.64 4.98
C SER A 161 -18.07 -3.50 5.44
N MET A 162 -17.71 -2.26 5.77
CA MET A 162 -16.40 -1.90 6.33
C MET A 162 -16.55 -0.55 7.01
N ALA A 163 -16.02 -0.44 8.23
CA ALA A 163 -15.98 0.83 9.02
C ALA A 163 -17.40 1.29 9.31
N GLY A 164 -18.38 0.38 9.39
CA GLY A 164 -19.78 0.78 9.66
C GLY A 164 -20.61 1.26 8.47
N PHE A 165 -20.06 1.22 7.28
CA PHE A 165 -20.71 1.56 6.01
C PHE A 165 -21.04 0.25 5.28
N THR A 166 -21.96 0.34 4.35
CA THR A 166 -22.34 -0.80 3.47
C THR A 166 -22.47 -0.32 2.03
N VAL A 167 -22.02 -1.17 1.09
CA VAL A 167 -22.36 -1.08 -0.35
C VAL A 167 -23.06 -2.40 -0.66
N SER A 168 -24.35 -2.33 -0.95
CA SER A 168 -25.27 -3.48 -1.04
C SER A 168 -24.99 -4.32 -2.30
N ASP A 169 -24.39 -3.73 -3.33
CA ASP A 169 -24.20 -4.35 -4.67
C ASP A 169 -22.74 -4.16 -5.09
N GLN A 170 -21.82 -4.52 -4.19
CA GLN A 170 -20.38 -4.37 -4.46
C GLN A 170 -19.92 -5.56 -5.30
N THR A 171 -19.36 -5.24 -6.46
CA THR A 171 -18.66 -6.21 -7.29
C THR A 171 -17.24 -6.40 -6.75
N PHE A 172 -16.79 -7.64 -6.71
CA PHE A 172 -15.48 -8.01 -6.16
C PHE A 172 -15.08 -9.35 -6.78
N GLY A 173 -13.79 -9.67 -6.62
CA GLY A 173 -13.21 -10.93 -7.10
C GLY A 173 -13.41 -12.04 -6.08
N VAL A 174 -13.83 -13.23 -6.53
CA VAL A 174 -13.74 -14.46 -5.69
C VAL A 174 -12.54 -15.26 -6.23
N VAL A 175 -11.45 -15.26 -5.49
CA VAL A 175 -10.15 -15.77 -5.98
C VAL A 175 -9.98 -17.26 -5.65
N THR A 176 -9.54 -18.01 -6.67
CA THR A 176 -9.33 -19.47 -6.50
C THR A 176 -7.93 -19.85 -6.98
N SER A 177 -7.07 -18.93 -7.43
CA SER A 177 -5.63 -19.26 -7.58
C SER A 177 -4.84 -17.99 -7.45
N THR A 178 -3.61 -18.11 -6.97
CA THR A 178 -2.69 -16.95 -6.93
C THR A 178 -1.30 -17.46 -7.34
N SER A 179 -0.40 -16.57 -7.69
CA SER A 179 1.05 -16.89 -7.70
C SER A 179 1.49 -17.22 -6.27
N ALA A 180 2.61 -17.93 -6.18
CA ALA A 180 3.17 -18.43 -4.90
C ALA A 180 3.31 -17.26 -3.92
N ASN A 181 2.79 -17.45 -2.73
CA ASN A 181 3.09 -16.65 -1.51
C ASN A 181 2.50 -15.25 -1.66
N LEU A 182 1.42 -15.08 -2.43
CA LEU A 182 0.87 -13.73 -2.66
C LEU A 182 0.38 -13.17 -1.33
N ILE A 183 -0.45 -13.97 -0.65
CA ILE A 183 -0.90 -13.66 0.72
C ILE A 183 -0.91 -14.96 1.51
N SER A 184 -1.04 -14.85 2.83
CA SER A 184 -1.25 -15.99 3.72
C SER A 184 -1.89 -15.50 5.01
N TYR A 185 -2.39 -16.44 5.80
CA TYR A 185 -2.91 -16.25 7.16
C TYR A 185 -2.08 -15.17 7.83
N PRO A 186 -2.68 -14.16 8.50
CA PRO A 186 -4.13 -14.04 8.72
C PRO A 186 -4.96 -13.35 7.63
N LEU A 187 -4.35 -13.10 6.49
CA LEU A 187 -5.01 -12.37 5.38
C LEU A 187 -5.84 -13.33 4.53
N SER A 188 -6.90 -12.79 3.91
CA SER A 188 -7.80 -13.54 3.04
C SER A 188 -7.96 -12.83 1.70
N GLY A 189 -7.38 -11.65 1.52
CA GLY A 189 -7.57 -10.90 0.28
C GLY A 189 -7.14 -9.45 0.45
N LEU A 190 -7.66 -8.60 -0.42
CA LEU A 190 -7.13 -7.23 -0.54
C LEU A 190 -8.31 -6.30 -0.80
N MET A 191 -8.24 -5.10 -0.25
CA MET A 191 -9.20 -4.01 -0.58
CA MET A 191 -9.20 -4.00 -0.53
C MET A 191 -8.44 -2.84 -1.18
N GLY A 192 -8.69 -2.60 -2.47
CA GLY A 192 -8.12 -1.48 -3.19
C GLY A 192 -8.68 -0.18 -2.72
N LEU A 193 -7.83 0.81 -2.46
CA LEU A 193 -8.33 2.12 -1.99
C LEU A 193 -8.05 3.19 -3.05
N ALA A 194 -7.62 2.82 -4.27
CA ALA A 194 -7.36 3.83 -5.31
C ALA A 194 -8.55 3.89 -6.27
N TRP A 195 -8.37 4.53 -7.42
CA TRP A 195 -9.50 5.05 -8.22
C TRP A 195 -9.99 4.00 -9.19
N LYS A 196 -11.26 4.11 -9.57
CA LYS A 196 -12.00 3.15 -10.41
C LYS A 196 -11.23 2.92 -11.71
N SER A 197 -10.50 3.91 -12.24
CA SER A 197 -9.89 3.73 -13.59
C SER A 197 -8.84 2.61 -13.59
N ILE A 198 -8.27 2.18 -12.46
CA ILE A 198 -7.30 1.04 -12.52
C ILE A 198 -7.90 -0.23 -11.87
N ALA A 199 -9.19 -0.28 -11.64
CA ALA A 199 -9.90 -1.50 -11.17
C ALA A 199 -9.89 -2.52 -12.31
N SER A 200 -9.33 -3.70 -12.10
CA SER A 200 -9.28 -4.77 -13.11
C SER A 200 -10.70 -5.24 -13.40
N SER A 201 -11.57 -5.21 -12.39
CA SER A 201 -12.99 -5.66 -12.46
C SER A 201 -13.84 -4.67 -13.25
N GLY A 202 -13.35 -3.43 -13.45
CA GLY A 202 -14.17 -2.30 -13.90
C GLY A 202 -15.19 -1.85 -12.88
N ALA A 203 -15.25 -2.42 -11.67
CA ALA A 203 -16.25 -2.02 -10.66
C ALA A 203 -15.76 -0.77 -9.92
N THR A 204 -16.69 0.09 -9.52
CA THR A 204 -16.41 1.24 -8.63
C THR A 204 -15.90 0.68 -7.31
N PRO A 205 -14.73 1.13 -6.83
CA PRO A 205 -14.27 0.75 -5.49
C PRO A 205 -15.23 1.14 -4.36
N PHE A 206 -15.32 0.26 -3.37
CA PHE A 206 -16.12 0.48 -2.15
C PHE A 206 -15.97 1.94 -1.68
N TRP A 207 -14.74 2.37 -1.41
CA TRP A 207 -14.47 3.71 -0.79
C TRP A 207 -15.02 4.79 -1.71
N GLN A 208 -14.85 4.61 -3.01
CA GLN A 208 -15.20 5.66 -4.01
C GLN A 208 -16.73 5.82 -4.07
N THR A 209 -17.45 4.71 -3.95
CA THR A 209 -18.93 4.77 -3.89
C THR A 209 -19.33 5.62 -2.66
N LEU A 210 -18.73 5.38 -1.50
CA LEU A 210 -19.05 6.13 -0.28
C LEU A 210 -18.76 7.62 -0.48
N ALA A 211 -17.57 7.95 -0.96
CA ALA A 211 -17.17 9.35 -1.16
C ALA A 211 -18.15 10.02 -2.12
N ALA A 212 -18.45 9.38 -3.24
CA ALA A 212 -19.33 9.90 -4.33
C ALA A 212 -20.77 10.06 -3.85
N SER A 213 -21.21 9.29 -2.86
CA SER A 213 -22.63 9.29 -2.49
CA SER A 213 -22.61 9.22 -2.38
C SER A 213 -22.92 10.38 -1.45
N GLY A 214 -21.89 11.09 -0.97
CA GLY A 214 -22.07 12.11 0.09
C GLY A 214 -22.34 11.48 1.46
N ASP A 215 -21.89 10.24 1.68
CA ASP A 215 -21.98 9.52 2.97
C ASP A 215 -20.93 10.00 3.97
N TRP A 216 -19.90 10.75 3.54
CA TRP A 216 -18.79 11.15 4.42
C TRP A 216 -18.94 12.61 4.86
N ASP A 217 -18.60 12.88 6.10
CA ASP A 217 -18.60 14.23 6.69
C ASP A 217 -17.64 15.07 5.85
N SER A 218 -16.49 14.50 5.53
CA SER A 218 -15.46 15.17 4.69
C SER A 218 -15.01 14.16 3.64
N PRO A 219 -14.81 14.56 2.36
CA PRO A 219 -14.54 13.60 1.28
C PRO A 219 -13.05 13.21 1.29
N GLU A 220 -12.60 12.56 2.36
CA GLU A 220 -11.22 12.08 2.49
C GLU A 220 -11.07 10.93 3.50
N MET A 221 -10.00 10.17 3.34
CA MET A 221 -9.61 9.05 4.22
C MET A 221 -8.33 9.45 4.91
N GLY A 222 -8.26 9.31 6.22
CA GLY A 222 -7.02 9.58 6.99
C GLY A 222 -6.31 8.32 7.36
N VAL A 223 -5.01 8.25 7.15
CA VAL A 223 -4.26 6.99 7.35
C VAL A 223 -3.10 7.16 8.32
N TYR A 224 -3.08 6.33 9.33
CA TYR A 224 -1.98 6.18 10.30
C TYR A 224 -1.53 4.71 10.29
N LEU A 225 -0.30 4.47 9.88
CA LEU A 225 0.35 3.13 9.90
C LEU A 225 1.35 3.12 11.06
N LYS A 226 1.19 2.18 11.98
CA LYS A 226 2.04 2.10 13.17
C LYS A 226 3.30 1.31 12.78
N ARG A 227 4.40 1.57 13.46
CA ARG A 227 5.74 1.06 13.12
C ARG A 227 6.15 0.01 14.14
N TYR A 228 6.51 -1.16 13.68
CA TYR A 228 7.09 -2.25 14.49
C TYR A 228 8.51 -2.56 14.03
N ARG A 229 8.94 -2.11 12.83
CA ARG A 229 10.31 -2.38 12.37
C ARG A 229 11.23 -1.69 13.38
N GLY A 230 12.26 -2.41 13.82
CA GLY A 230 13.20 -1.87 14.82
C GLY A 230 12.78 -2.26 16.23
N ASP A 231 11.56 -2.75 16.42
CA ASP A 231 11.12 -3.30 17.73
C ASP A 231 11.56 -4.78 17.79
N ASN A 232 12.63 -5.03 18.56
CA ASN A 232 13.24 -6.38 18.67
C ASN A 232 12.28 -7.40 19.31
N THR A 233 11.21 -6.99 20.02
CA THR A 233 10.18 -7.91 20.62
C THR A 233 8.84 -7.89 19.86
N ALA A 234 8.80 -7.41 18.62
CA ALA A 234 7.55 -7.32 17.80
C ALA A 234 7.15 -8.71 17.30
N SER A 235 5.85 -8.93 17.16
CA SER A 235 5.24 -10.14 16.58
C SER A 235 5.00 -9.96 15.07
N GLN A 236 4.85 -11.08 14.36
CA GLN A 236 4.47 -11.12 12.92
C GLN A 236 3.02 -10.65 12.74
N ILE A 237 2.21 -10.62 13.80
CA ILE A 237 0.82 -10.15 13.73
C ILE A 237 0.63 -9.18 14.88
N GLU A 238 0.45 -7.90 14.57
CA GLU A 238 0.33 -6.85 15.60
C GLU A 238 -1.04 -6.27 15.39
N THR A 239 -2.02 -6.61 16.22
CA THR A 239 -3.42 -6.10 16.01
C THR A 239 -3.52 -4.60 16.28
N ASP A 240 -2.55 -4.01 17.00
CA ASP A 240 -2.44 -2.56 17.21
C ASP A 240 -1.55 -2.01 16.09
N GLY A 241 -2.10 -1.90 14.87
CA GLY A 241 -1.27 -1.64 13.67
C GLY A 241 -1.55 -0.30 13.04
N GLY A 242 -2.48 0.47 13.57
CA GLY A 242 -2.85 1.79 13.00
C GLY A 242 -4.33 1.90 12.72
N GLN A 243 -4.69 2.83 11.88
CA GLN A 243 -6.12 3.21 11.75
C GLN A 243 -6.30 3.88 10.39
N ILE A 244 -7.42 3.62 9.75
CA ILE A 244 -7.91 4.40 8.58
C ILE A 244 -9.22 5.00 9.02
N LEU A 245 -9.33 6.33 8.92
CA LEU A 245 -10.59 7.03 9.16
C LEU A 245 -11.24 7.35 7.81
N PHE A 246 -12.39 6.76 7.57
CA PHE A 246 -13.24 7.03 6.39
CA PHE A 246 -13.19 7.08 6.36
C PHE A 246 -14.09 8.27 6.67
N GLY A 247 -13.90 9.34 5.90
CA GLY A 247 -14.76 10.53 5.95
C GLY A 247 -14.20 11.62 6.85
N GLY A 248 -12.91 11.55 7.17
CA GLY A 248 -12.28 12.63 7.91
C GLY A 248 -10.87 12.29 8.25
N LEU A 249 -10.25 13.20 9.00
CA LEU A 249 -8.91 12.99 9.54
C LEU A 249 -8.98 12.94 11.07
N ASN A 250 -8.14 12.12 11.67
CA ASN A 250 -8.11 11.92 13.14
C ASN A 250 -7.13 12.92 13.75
N THR A 251 -7.66 14.02 14.30
CA THR A 251 -6.84 15.15 14.86
C THR A 251 -6.03 14.70 16.09
N SER A 252 -6.36 13.59 16.76
CA SER A 252 -5.54 13.02 17.85
C SER A 252 -4.25 12.40 17.30
N LEU A 253 -4.18 12.06 16.00
CA LEU A 253 -3.01 11.31 15.47
C LEU A 253 -2.08 12.23 14.70
N TYR A 254 -2.43 13.48 14.43
CA TYR A 254 -1.50 14.41 13.73
C TYR A 254 -1.46 15.75 14.48
N ASN A 255 -0.44 16.52 14.18
CA ASN A 255 -0.05 17.80 14.80
C ASN A 255 0.15 18.81 13.65
N GLY A 256 -0.39 20.02 13.78
CA GLY A 256 -0.11 21.13 12.86
C GLY A 256 -1.00 20.99 11.64
N SER A 257 -0.64 21.60 10.53
CA SER A 257 -1.57 21.68 9.38
C SER A 257 -1.27 20.54 8.39
N VAL A 258 -2.29 20.13 7.65
CA VAL A 258 -2.14 19.17 6.52
C VAL A 258 -1.63 19.95 5.32
N ASN A 259 -0.57 19.46 4.72
CA ASN A 259 0.02 19.97 3.48
C ASN A 259 -0.58 19.16 2.32
N TYR A 260 -1.55 19.72 1.61
CA TYR A 260 -2.21 19.02 0.48
C TYR A 260 -1.47 19.29 -0.84
N ILE A 261 -1.16 18.22 -1.57
CA ILE A 261 -0.58 18.24 -2.93
C ILE A 261 -1.74 17.89 -3.87
N SER A 262 -2.13 18.86 -4.68
CA SER A 262 -3.29 18.74 -5.59
CA SER A 262 -3.26 18.78 -5.64
C SER A 262 -3.01 17.69 -6.67
N ILE A 263 -4.05 16.97 -7.03
CA ILE A 263 -4.07 15.91 -8.04
C ILE A 263 -5.09 16.40 -9.08
N ASP A 264 -4.65 16.56 -10.30
CA ASP A 264 -5.57 17.05 -11.38
C ASP A 264 -6.42 15.89 -11.91
N GLU A 265 -7.41 16.20 -12.74
CA GLU A 265 -8.44 15.23 -13.13
C GLU A 265 -7.82 14.13 -14.00
N SER A 266 -6.65 14.37 -14.60
CA SER A 266 -5.97 13.35 -15.43
C SER A 266 -5.19 12.34 -14.60
N GLU A 267 -5.05 12.57 -13.28
CA GLU A 267 -4.13 11.74 -12.46
C GLU A 267 -4.91 10.85 -11.49
N LYS A 268 -6.20 10.66 -11.72
CA LYS A 268 -7.06 9.89 -10.80
C LYS A 268 -7.05 8.43 -11.23
N ASP A 269 -6.03 7.70 -10.83
CA ASP A 269 -5.84 6.28 -11.24
C ASP A 269 -5.25 5.61 -10.01
N TYR A 270 -3.94 5.53 -9.94
CA TYR A 270 -3.27 5.34 -8.63
C TYR A 270 -3.59 6.57 -7.79
N TRP A 271 -3.25 6.52 -6.50
CA TRP A 271 -3.04 7.72 -5.67
C TRP A 271 -1.60 8.16 -5.86
N ARG A 272 -1.37 9.23 -6.61
CA ARG A 272 0.00 9.60 -6.99
C ARG A 272 0.20 11.11 -7.03
N ILE A 273 1.42 11.50 -6.72
CA ILE A 273 1.86 12.91 -6.68
C ILE A 273 3.32 13.00 -7.11
N PRO A 274 3.76 14.19 -7.53
CA PRO A 274 5.12 14.33 -8.01
C PRO A 274 6.09 14.38 -6.85
N LEU A 275 7.22 13.77 -7.05
CA LEU A 275 8.36 14.01 -6.15
C LEU A 275 9.11 15.25 -6.60
N GLU A 276 9.31 16.19 -5.68
CA GLU A 276 10.06 17.43 -5.98
C GLU A 276 11.56 17.27 -5.80
N ALA A 277 12.01 16.57 -4.77
CA ALA A 277 13.46 16.41 -4.48
C ALA A 277 13.62 15.31 -3.46
N MET A 278 14.83 14.83 -3.30
CA MET A 278 15.18 13.84 -2.28
CA MET A 278 15.20 13.78 -2.34
C MET A 278 16.59 14.20 -1.81
N VAL A 279 16.76 14.17 -0.51
CA VAL A 279 18.07 14.45 0.14
C VAL A 279 18.49 13.23 0.95
N ILE A 280 19.68 12.72 0.68
CA ILE A 280 20.22 11.57 1.44
C ILE A 280 21.65 11.89 1.85
N GLN A 281 21.95 11.78 3.15
CA GLN A 281 23.28 12.11 3.72
C GLN A 281 23.64 13.55 3.32
N GLY A 282 22.64 14.45 3.22
CA GLY A 282 22.88 15.88 2.97
C GLY A 282 22.86 16.23 1.47
N ASN A 283 22.88 15.24 0.59
CA ASN A 283 23.05 15.45 -0.86
C ASN A 283 21.69 15.34 -1.56
N SER A 284 21.35 16.35 -2.35
CA SER A 284 20.12 16.34 -3.19
C SER A 284 20.40 15.40 -4.37
N VAL A 285 19.61 14.37 -4.55
CA VAL A 285 19.80 13.32 -5.57
C VAL A 285 19.15 13.79 -6.87
N SER A 286 19.77 13.51 -8.01
CA SER A 286 19.06 13.69 -9.29
C SER A 286 17.92 12.67 -9.37
N ILE A 287 16.67 13.14 -9.40
CA ILE A 287 15.49 12.21 -9.50
C ILE A 287 14.92 12.20 -10.93
N ALA A 288 15.58 12.90 -11.86
CA ALA A 288 15.38 12.70 -13.33
C ALA A 288 15.52 11.22 -13.68
N SER A 289 14.71 10.74 -14.64
CA SER A 289 14.69 9.34 -15.13
C SER A 289 14.24 9.37 -16.60
N SER A 290 14.67 8.41 -17.44
CA SER A 290 14.23 8.37 -18.87
C SER A 290 12.71 8.10 -18.94
N SER A 291 12.18 7.33 -17.99
CA SER A 291 10.75 6.95 -17.86
C SER A 291 9.89 8.14 -17.39
N GLY A 292 10.36 8.91 -16.42
CA GLY A 292 9.55 9.91 -15.71
C GLY A 292 10.00 11.32 -15.96
N GLY A 293 11.01 11.52 -16.81
CA GLY A 293 11.51 12.88 -17.16
C GLY A 293 11.96 13.64 -15.92
N SER A 294 11.81 14.98 -15.96
CA SER A 294 12.32 15.87 -14.89
C SER A 294 11.86 15.33 -13.52
N ASN A 295 10.57 15.01 -13.30
CA ASN A 295 10.17 14.58 -11.93
C ASN A 295 9.27 13.37 -11.97
N PRO A 296 9.56 12.32 -11.19
CA PRO A 296 8.73 11.12 -11.20
C PRO A 296 7.37 11.34 -10.54
N SER A 297 6.34 10.69 -11.07
CA SER A 297 5.03 10.53 -10.40
C SER A 297 5.13 9.32 -9.47
N CYS A 298 4.77 9.51 -8.22
CA CYS A 298 4.97 8.53 -7.14
C CYS A 298 3.61 8.00 -6.67
N ALA A 299 3.40 6.69 -6.80
CA ALA A 299 2.27 6.02 -6.11
C ALA A 299 2.50 6.12 -4.60
N ILE A 300 1.57 6.70 -3.85
CA ILE A 300 1.61 6.66 -2.37
C ILE A 300 0.76 5.46 -1.94
N ASP A 301 1.46 4.38 -1.65
CA ASP A 301 0.94 3.01 -1.77
C ASP A 301 1.07 2.33 -0.40
N THR A 302 0.02 2.33 0.38
CA THR A 302 -0.04 1.54 1.64
C THR A 302 0.14 0.03 1.45
N GLY A 303 -0.03 -0.50 0.23
CA GLY A 303 0.12 -1.94 -0.01
C GLY A 303 1.49 -2.36 -0.46
N THR A 304 2.47 -1.46 -0.44
CA THR A 304 3.86 -1.81 -0.76
C THR A 304 4.70 -1.64 0.49
N THR A 305 5.63 -2.55 0.74
CA THR A 305 6.40 -2.54 2.00
C THR A 305 7.45 -1.42 1.95
N LEU A 306 8.22 -1.37 0.86
CA LEU A 306 9.45 -0.55 0.72
C LEU A 306 9.21 0.63 -0.23
N ILE A 307 10.26 1.12 -0.84
CA ILE A 307 10.16 2.27 -1.78
C ILE A 307 10.86 1.82 -3.06
N GLY A 308 10.11 1.70 -4.14
CA GLY A 308 10.63 1.23 -5.44
C GLY A 308 10.90 2.41 -6.36
N VAL A 309 12.11 2.48 -6.93
CA VAL A 309 12.56 3.63 -7.76
C VAL A 309 13.24 3.04 -8.99
N PRO A 310 13.39 3.81 -10.08
CA PRO A 310 14.11 3.35 -11.26
C PRO A 310 15.56 3.01 -10.86
N SER A 311 16.12 2.00 -11.53
CA SER A 311 17.52 1.50 -11.38
C SER A 311 18.55 2.63 -11.36
N GLN A 312 18.53 3.53 -12.34
CA GLN A 312 19.49 4.69 -12.36
C GLN A 312 19.32 5.53 -11.07
N THR A 313 18.10 5.75 -10.61
CA THR A 313 17.83 6.51 -9.36
C THR A 313 18.35 5.77 -8.13
N ALA A 314 18.12 4.47 -8.04
CA ALA A 314 18.62 3.67 -6.90
C ALA A 314 20.15 3.74 -6.85
N ASN A 315 20.81 3.64 -7.98
CA ASN A 315 22.29 3.74 -8.06
C ASN A 315 22.74 5.10 -7.52
N ARG A 316 22.07 6.17 -7.90
CA ARG A 316 22.37 7.53 -7.42
C ARG A 316 22.10 7.69 -5.93
N ILE A 317 21.00 7.16 -5.43
CA ILE A 317 20.71 7.20 -3.97
C ILE A 317 21.83 6.52 -3.21
N TYR A 318 22.15 5.27 -3.54
CA TYR A 318 23.11 4.51 -2.71
C TYR A 318 24.56 5.04 -2.90
N SER A 319 24.84 5.74 -4.00
CA SER A 319 26.14 6.43 -4.21
C SER A 319 26.39 7.49 -3.14
N GLN A 320 25.35 7.99 -2.45
CA GLN A 320 25.49 9.01 -1.39
C GLN A 320 25.81 8.39 0.00
N ILE A 321 25.75 7.08 0.16
CA ILE A 321 26.00 6.39 1.44
C ILE A 321 27.37 5.68 1.29
N ALA A 322 28.36 6.12 2.07
CA ALA A 322 29.73 5.56 1.99
C ALA A 322 29.62 4.05 2.27
N GLY A 323 30.25 3.24 1.39
CA GLY A 323 30.28 1.78 1.58
C GLY A 323 29.09 1.07 0.98
N ALA A 324 28.08 1.80 0.48
CA ALA A 324 26.88 1.16 -0.12
C ALA A 324 27.26 0.37 -1.38
N GLU A 325 26.54 -0.72 -1.64
CA GLU A 325 26.73 -1.56 -2.84
C GLU A 325 25.39 -2.26 -3.20
N ALA A 326 25.18 -2.49 -4.49
CA ALA A 326 24.14 -3.40 -5.02
C ALA A 326 24.39 -4.80 -4.51
N LEU A 327 23.35 -5.44 -4.04
CA LEU A 327 23.42 -6.89 -3.78
C LEU A 327 23.50 -7.57 -5.16
N SER A 328 24.34 -8.58 -5.29
CA SER A 328 24.58 -9.31 -6.56
C SER A 328 23.35 -10.10 -6.94
N ALA A 329 23.23 -10.44 -8.21
CA ALA A 329 22.23 -11.40 -8.69
C ALA A 329 22.40 -12.76 -7.96
N SER A 330 23.63 -13.20 -7.70
CA SER A 330 23.87 -14.55 -7.10
C SER A 330 23.46 -14.58 -5.61
N SER A 331 23.34 -13.43 -4.93
CA SER A 331 22.80 -13.37 -3.54
C SER A 331 21.32 -13.80 -3.49
N GLY A 332 20.60 -13.71 -4.61
CA GLY A 332 19.13 -13.83 -4.64
C GLY A 332 18.44 -12.48 -4.43
N TYR A 333 19.17 -11.38 -4.22
CA TYR A 333 18.57 -10.08 -3.83
C TYR A 333 18.83 -8.97 -4.85
N GLU A 334 18.94 -9.30 -6.13
CA GLU A 334 19.11 -8.26 -7.17
C GLU A 334 17.98 -7.22 -7.06
N GLY A 335 18.30 -5.95 -7.20
CA GLY A 335 17.36 -4.84 -6.98
C GLY A 335 17.54 -4.26 -5.57
N TYR A 336 18.19 -4.97 -4.66
CA TYR A 336 18.38 -4.46 -3.30
C TYR A 336 19.81 -3.95 -3.18
N TYR A 337 20.01 -3.07 -2.20
CA TYR A 337 21.34 -2.47 -1.94
C TYR A 337 21.63 -2.52 -0.44
N GLN A 338 22.91 -2.64 -0.08
CA GLN A 338 23.25 -2.75 1.36
C GLN A 338 24.38 -1.79 1.64
N TYR A 339 24.50 -1.42 2.90
CA TYR A 339 25.42 -0.34 3.29
C TYR A 339 25.81 -0.62 4.72
N PRO A 340 26.82 0.07 5.27
CA PRO A 340 27.27 -0.23 6.63
C PRO A 340 26.17 -0.08 7.68
N CYS A 341 25.97 -1.14 8.46
CA CYS A 341 24.89 -1.20 9.49
C CYS A 341 25.01 -0.07 10.50
N ASP A 342 26.22 0.37 10.84
CA ASP A 342 26.38 1.43 11.87
C ASP A 342 26.27 2.82 11.22
N THR A 343 25.98 2.93 9.94
CA THR A 343 25.63 4.24 9.32
C THR A 343 24.12 4.48 9.48
N GLU A 344 23.75 5.42 10.33
CA GLU A 344 22.37 5.97 10.42
C GLU A 344 22.19 6.91 9.24
N VAL A 345 21.21 6.62 8.41
CA VAL A 345 21.01 7.37 7.14
C VAL A 345 20.02 8.49 7.44
N THR A 346 20.37 9.70 7.11
CA THR A 346 19.42 10.83 7.21
C THR A 346 18.86 10.95 5.81
N VAL A 347 17.56 10.85 5.60
CA VAL A 347 16.97 10.90 4.22
C VAL A 347 15.60 11.50 4.31
N SER A 348 15.28 12.37 3.36
CA SER A 348 13.91 12.93 3.22
C SER A 348 13.49 13.00 1.75
N LEU A 349 12.17 12.99 1.58
CA LEU A 349 11.48 13.21 0.29
C LEU A 349 10.72 14.54 0.40
N GLN A 350 10.80 15.37 -0.62
CA GLN A 350 10.12 16.68 -0.67
C GLN A 350 8.87 16.56 -1.54
N PHE A 351 7.73 16.77 -0.89
CA PHE A 351 6.40 16.76 -1.52
C PHE A 351 5.73 18.08 -1.14
N GLY A 352 5.09 18.74 -2.12
CA GLY A 352 4.39 20.01 -1.92
C GLY A 352 5.16 21.00 -1.07
N GLY A 353 6.44 21.18 -1.37
CA GLY A 353 7.30 22.24 -0.80
C GLY A 353 7.76 21.95 0.60
N MET A 354 7.67 20.70 1.07
CA MET A 354 8.07 20.37 2.46
CA MET A 354 8.06 20.36 2.46
C MET A 354 8.85 19.06 2.43
N SER A 355 9.87 18.98 3.27
CA SER A 355 10.73 17.80 3.43
C SER A 355 10.08 16.87 4.45
N TYR A 356 9.94 15.60 4.10
CA TYR A 356 9.38 14.57 5.01
C TYR A 356 10.47 13.55 5.25
N SER A 357 10.94 13.44 6.49
CA SER A 357 12.04 12.54 6.88
C SER A 357 11.56 11.10 6.97
N ILE A 358 12.45 10.17 6.60
CA ILE A 358 12.27 8.70 6.83
C ILE A 358 13.16 8.28 7.99
N SER A 359 12.59 7.69 9.03
CA SER A 359 13.38 7.33 10.22
C SER A 359 14.35 6.19 9.87
N ASN A 360 15.46 6.12 10.58
CA ASN A 360 16.44 5.05 10.41
C ASN A 360 15.79 3.68 10.62
N ALA A 361 14.84 3.55 11.55
CA ALA A 361 14.12 2.27 11.82
C ALA A 361 13.38 1.82 10.56
N ASP A 362 12.89 2.74 9.71
CA ASP A 362 12.23 2.35 8.44
C ASP A 362 13.26 2.06 7.36
N MET A 363 14.37 2.81 7.33
CA MET A 363 15.36 2.71 6.23
C MET A 363 16.18 1.41 6.34
N ASN A 364 16.57 1.02 7.55
CA ASN A 364 17.48 -0.10 7.78
C ASN A 364 16.69 -1.39 7.99
N LEU A 365 16.78 -2.32 7.05
CA LEU A 365 15.98 -3.58 7.04
C LEU A 365 16.84 -4.70 7.63
N GLY A 366 18.05 -4.41 8.05
CA GLY A 366 18.91 -5.44 8.64
C GLY A 366 19.68 -6.20 7.59
N SER A 367 20.46 -7.17 8.06
CA SER A 367 21.40 -7.93 7.22
C SER A 367 20.65 -9.00 6.43
N PHE A 368 20.80 -9.03 5.11
CA PHE A 368 20.19 -10.07 4.24
C PHE A 368 21.19 -11.18 4.01
N THR A 369 22.47 -10.96 4.27
CA THR A 369 23.55 -11.94 3.98
C THR A 369 24.25 -12.27 5.29
N ARG A 370 25.21 -13.21 5.26
CA ARG A 370 26.03 -13.60 6.44
C ARG A 370 26.98 -12.47 6.84
N ASP A 371 27.23 -11.50 5.95
CA ASP A 371 27.99 -10.26 6.26
C ASP A 371 27.11 -9.35 7.12
N THR A 372 27.24 -9.50 8.45
CA THR A 372 26.41 -8.83 9.48
C THR A 372 26.84 -7.35 9.61
N SER A 373 27.89 -6.92 8.94
CA SER A 373 28.36 -5.52 9.01
C SER A 373 27.58 -4.67 8.00
N MET A 374 26.82 -5.32 7.12
CA MET A 374 26.05 -4.65 6.02
CA MET A 374 26.05 -4.63 6.04
C MET A 374 24.55 -4.88 6.22
N CYS A 375 23.73 -3.87 5.96
CA CYS A 375 22.26 -3.86 6.13
CA CYS A 375 22.27 -4.04 6.02
C CYS A 375 21.60 -3.39 4.83
N THR A 376 20.43 -3.95 4.51
CA THR A 376 19.69 -3.56 3.28
C THR A 376 18.91 -2.26 3.57
N GLY A 377 18.91 -1.37 2.60
CA GLY A 377 18.08 -0.16 2.60
C GLY A 377 16.66 -0.40 2.05
N ALA A 378 15.77 0.53 2.40
CA ALA A 378 14.34 0.50 2.08
C ALA A 378 14.08 0.95 0.65
N PHE A 379 14.99 1.69 -0.02
CA PHE A 379 14.89 1.98 -1.47
C PHE A 379 15.42 0.80 -2.28
N PHE A 380 14.62 0.28 -3.21
CA PHE A 380 14.99 -0.86 -4.10
C PHE A 380 14.79 -0.40 -5.56
N ALA A 381 15.53 -1.02 -6.44
CA ALA A 381 15.53 -0.77 -7.91
C ALA A 381 14.41 -1.56 -8.55
N MET A 382 13.55 -0.87 -9.29
CA MET A 382 12.67 -1.64 -10.18
C MET A 382 12.30 -0.74 -11.34
N ASP A 383 12.75 -1.12 -12.53
CA ASP A 383 12.34 -0.40 -13.76
C ASP A 383 10.88 -0.72 -13.99
N MET A 384 10.10 0.28 -14.34
CA MET A 384 8.64 0.18 -14.58
CA MET A 384 8.65 0.10 -14.57
C MET A 384 8.42 0.10 -16.09
N SER A 385 7.41 -0.66 -16.52
CA SER A 385 6.85 -0.57 -17.88
C SER A 385 6.74 0.91 -18.25
N SER A 386 7.04 1.27 -19.50
CA SER A 386 6.77 2.63 -20.02
C SER A 386 5.24 2.81 -20.17
N ARG A 387 4.44 1.78 -19.93
CA ARG A 387 2.96 1.92 -19.91
C ARG A 387 2.52 2.48 -18.54
N SER A 388 3.39 2.47 -17.54
CA SER A 388 3.04 2.88 -16.16
C SER A 388 3.06 4.40 -16.06
N PRO A 389 2.04 5.00 -15.44
CA PRO A 389 2.05 6.44 -15.13
C PRO A 389 2.85 6.75 -13.87
N VAL A 390 3.33 5.71 -13.17
CA VAL A 390 4.21 5.98 -11.99
C VAL A 390 5.64 5.48 -12.23
N GLN A 391 6.61 6.24 -11.75
CA GLN A 391 8.02 5.79 -11.79
C GLN A 391 8.51 5.43 -10.40
N TRP A 392 7.89 5.93 -9.35
CA TRP A 392 8.20 5.52 -7.96
C TRP A 392 7.00 4.83 -7.35
N ILE A 393 7.25 3.86 -6.47
CA ILE A 393 6.22 3.31 -5.54
C ILE A 393 6.67 3.60 -4.11
N VAL A 394 6.00 4.55 -3.49
CA VAL A 394 6.36 5.03 -2.13
C VAL A 394 5.46 4.31 -1.16
N GLY A 395 6.01 3.30 -0.49
CA GLY A 395 5.22 2.38 0.35
C GLY A 395 5.27 2.79 1.80
N ALA A 396 4.99 1.80 2.65
CA ALA A 396 4.90 1.96 4.11
C ALA A 396 6.19 2.49 4.73
N SER A 397 7.35 2.14 4.20
CA SER A 397 8.67 2.61 4.69
C SER A 397 8.60 4.13 4.78
N PHE A 398 7.99 4.80 3.80
CA PHE A 398 7.78 6.27 3.86
C PHE A 398 6.55 6.64 4.71
N ILE A 399 5.41 5.99 4.43
CA ILE A 399 4.09 6.41 4.93
C ILE A 399 4.06 6.35 6.48
N LYS A 400 4.78 5.42 7.10
CA LYS A 400 4.85 5.29 8.60
C LYS A 400 5.34 6.57 9.27
N ASN A 401 6.01 7.48 8.54
CA ASN A 401 6.62 8.73 9.05
C ASN A 401 5.67 9.91 8.97
N VAL A 402 4.50 9.75 8.35
CA VAL A 402 3.52 10.87 8.19
C VAL A 402 2.10 10.39 8.48
N TYR A 403 1.22 11.29 8.87
CA TYR A 403 -0.24 11.06 8.76
C TYR A 403 -0.63 11.45 7.36
N THR A 404 -1.44 10.64 6.70
CA THR A 404 -1.73 10.81 5.25
C THR A 404 -3.22 10.97 5.06
N ALA A 405 -3.56 11.98 4.28
CA ALA A 405 -4.94 12.28 3.86
C ALA A 405 -5.06 11.96 2.39
N PHE A 406 -5.96 11.05 2.04
CA PHE A 406 -6.29 10.78 0.61
C PHE A 406 -7.63 11.45 0.35
N ARG A 407 -7.58 12.52 -0.41
CA ARG A 407 -8.75 13.43 -0.53
C ARG A 407 -9.40 13.23 -1.90
N TYR A 408 -10.70 12.97 -1.90
CA TYR A 408 -11.50 12.64 -3.10
C TYR A 408 -11.79 13.91 -3.88
N ASN A 409 -12.04 15.00 -3.19
CA ASN A 409 -12.53 16.26 -3.81
C ASN A 409 -12.28 17.40 -2.83
N PRO A 410 -11.51 18.45 -3.22
CA PRO A 410 -10.69 18.44 -4.44
C PRO A 410 -9.59 17.39 -4.34
N ALA A 411 -9.33 16.66 -5.42
CA ALA A 411 -8.47 15.46 -5.35
C ALA A 411 -7.08 15.90 -4.92
N ALA A 412 -6.51 15.24 -3.93
CA ALA A 412 -5.22 15.60 -3.33
C ALA A 412 -4.74 14.46 -2.42
N ILE A 413 -3.44 14.46 -2.20
CA ILE A 413 -2.81 13.76 -1.06
C ILE A 413 -2.24 14.79 -0.11
N GLY A 414 -2.57 14.67 1.17
CA GLY A 414 -2.01 15.53 2.21
C GLY A 414 -1.08 14.78 3.14
N PHE A 415 -0.11 15.48 3.70
CA PHE A 415 0.75 14.92 4.77
C PHE A 415 0.74 15.86 5.95
N ALA A 416 0.75 15.27 7.14
CA ALA A 416 0.86 16.01 8.41
C ALA A 416 1.86 15.27 9.30
N GLU A 417 2.53 16.02 10.15
CA GLU A 417 3.43 15.45 11.18
C GLU A 417 2.57 14.55 12.08
N LEU A 418 3.08 13.40 12.46
CA LEU A 418 2.37 12.54 13.45
C LEU A 418 2.36 13.20 14.85
N ALA A 419 1.29 12.98 15.61
CA ALA A 419 1.17 13.51 17.02
C ALA A 419 2.22 12.78 17.87
#